data_4FLI
#
_entry.id   4FLI
#
_cell.length_a   47.771
_cell.length_b   77.562
_cell.length_c   48.811
_cell.angle_alpha   90.000
_cell.angle_beta   90.180
_cell.angle_gamma   90.000
#
_symmetry.space_group_name_H-M   'P 1 21 1'
#
loop_
_entity.id
_entity.type
_entity.pdbx_description
1 polymer 'Methionine aminopeptidase 1'
2 non-polymer 'MANGANESE (II) ION'
3 non-polymer (E,2R,3R,4S,5R)-N-(2-azanyl-2-oxidanylidene-ethyl)-2-methoxy-8,8-dimethyl-3,4,5-tris(oxidanyl)non-6-enamide
4 non-polymer 'SODIUM ION'
5 water water
#
_entity_poly.entity_id   1
_entity_poly.type   'polypeptide(L)'
_entity_poly.pdbx_seq_one_letter_code
;MYRYTGKLRPHYPLMPTRPVPSYIQRPDYADHPLGMSESEQALKGTSQIKLLSSEDIEGMRLVCRLAREVLDVAAGMIKP
GVTTEEIDHAVHLACIARNCYPSPLNYYNFPKSCCTSVNEVICHGIPDRRPLQEGDIVNVDITLYRNGYHGDLNETFFVG
EVDDGARKLVQTTYECLMQAIDAVKPGVRYRELGNIIQKHAQANGFSVVRSYCGHGIHKLFHTAPNVPHYAKNKAVGVMK
SGHVFTIEPMICEGGWQDETWPDGWTAVTRDGKRSAQFEHTLLVTDTGCEILTRRLDSARPHFMSQFEFELVDKLAAALE
HHHHHH
;
_entity_poly.pdbx_strand_id   A
#
# COMPACT_ATOMS: atom_id res chain seq x y z
N TYR A 2 15.69 -20.79 -8.87
CA TYR A 2 15.50 -19.72 -7.84
C TYR A 2 15.69 -20.20 -6.38
N ARG A 3 16.56 -19.55 -5.62
CA ARG A 3 16.72 -19.91 -4.23
C ARG A 3 15.78 -18.98 -3.38
N TYR A 4 14.75 -19.54 -2.80
CA TYR A 4 13.88 -18.75 -1.89
C TYR A 4 14.65 -18.21 -0.68
N THR A 5 14.25 -17.01 -0.22
CA THR A 5 15.00 -16.44 0.89
C THR A 5 14.51 -16.85 2.27
N GLY A 6 13.28 -17.40 2.35
CA GLY A 6 12.74 -17.93 3.58
C GLY A 6 11.90 -19.17 3.36
N LYS A 7 10.90 -19.32 4.24
CA LYS A 7 10.01 -20.46 4.21
C LYS A 7 8.84 -20.31 3.25
N LEU A 8 8.47 -19.06 2.90
CA LEU A 8 7.29 -18.87 2.01
C LEU A 8 7.57 -19.38 0.63
N ARG A 9 6.52 -19.95 0.00
CA ARG A 9 6.58 -20.33 -1.39
C ARG A 9 5.28 -19.86 -2.09
N PRO A 10 5.34 -19.59 -3.40
CA PRO A 10 4.05 -19.38 -4.10
C PRO A 10 3.25 -20.70 -4.11
N HIS A 11 1.93 -20.57 -4.06
CA HIS A 11 1.03 -21.74 -4.13
C HIS A 11 0.11 -21.61 -5.33
N TYR A 12 0.51 -22.34 -6.39
CA TYR A 12 -0.15 -22.27 -7.70
C TYR A 12 -1.06 -23.51 -7.86
N PRO A 13 -1.96 -23.47 -8.84
CA PRO A 13 -2.25 -22.48 -9.83
C PRO A 13 -3.04 -21.30 -9.24
N LEU A 14 -2.89 -20.15 -9.87
CA LEU A 14 -3.76 -19.03 -9.56
C LEU A 14 -5.07 -19.21 -10.35
N MET A 15 -6.15 -18.76 -9.75
CA MET A 15 -7.42 -18.62 -10.47
C MET A 15 -7.28 -17.74 -11.68
N PRO A 16 -8.09 -18.07 -12.69
CA PRO A 16 -8.16 -17.21 -13.86
C PRO A 16 -8.43 -15.72 -13.46
N THR A 17 -7.92 -14.74 -14.24
CA THR A 17 -8.14 -13.31 -13.93
C THR A 17 -9.64 -13.06 -13.79
N ARG A 18 -9.99 -12.28 -12.77
CA ARG A 18 -11.43 -12.02 -12.51
C ARG A 18 -11.94 -10.85 -13.34
N PRO A 19 -13.08 -11.02 -14.07
CA PRO A 19 -13.60 -9.88 -14.86
C PRO A 19 -14.27 -8.81 -13.92
N VAL A 20 -14.22 -7.55 -14.37
CA VAL A 20 -14.93 -6.50 -13.71
C VAL A 20 -16.05 -6.14 -14.72
N PRO A 21 -17.28 -6.03 -14.22
CA PRO A 21 -18.38 -5.75 -15.18
C PRO A 21 -18.17 -4.45 -15.90
N SER A 22 -18.66 -4.39 -17.15
CA SER A 22 -18.30 -3.26 -17.96
C SER A 22 -18.97 -1.96 -17.56
N TYR A 23 -19.98 -2.03 -16.65
CA TYR A 23 -20.55 -0.82 -16.12
C TYR A 23 -19.67 -0.03 -15.16
N ILE A 24 -18.59 -0.67 -14.71
CA ILE A 24 -17.61 -0.01 -13.83
C ILE A 24 -16.58 0.73 -14.64
N GLN A 25 -16.35 1.97 -14.30
CA GLN A 25 -15.46 2.78 -15.11
C GLN A 25 -14.00 2.26 -14.92
N ARG A 26 -13.23 2.24 -16.00
CA ARG A 26 -11.91 1.58 -16.00
C ARG A 26 -10.80 2.56 -16.18
N PRO A 27 -9.69 2.41 -15.47
CA PRO A 27 -8.53 3.24 -15.72
C PRO A 27 -7.88 2.85 -17.10
N ASP A 28 -7.02 3.75 -17.57
CA ASP A 28 -6.44 3.56 -18.98
C ASP A 28 -5.68 2.27 -19.17
N TYR A 29 -4.94 1.85 -18.15
CA TYR A 29 -4.15 0.64 -18.29
C TYR A 29 -4.95 -0.68 -18.28
N ALA A 30 -6.19 -0.59 -17.81
CA ALA A 30 -6.98 -1.78 -17.72
C ALA A 30 -7.16 -2.60 -18.96
N ASP A 31 -7.15 -1.93 -20.10
CA ASP A 31 -7.36 -2.63 -21.36
C ASP A 31 -6.09 -2.47 -22.22
N HIS A 32 -4.97 -2.02 -21.64
CA HIS A 32 -3.71 -2.07 -22.43
C HIS A 32 -3.13 -3.50 -22.28
N PRO A 33 -2.67 -4.16 -23.38
CA PRO A 33 -2.24 -5.56 -23.30
C PRO A 33 -1.04 -5.82 -22.32
N LEU A 34 -0.19 -4.83 -22.15
CA LEU A 34 0.96 -4.91 -21.20
C LEU A 34 0.60 -4.19 -19.86
N GLY A 35 -0.66 -3.73 -19.74
CA GLY A 35 -1.00 -2.98 -18.50
C GLY A 35 -0.32 -1.65 -18.36
N MET A 36 0.18 -1.11 -19.48
CA MET A 36 0.82 0.17 -19.30
C MET A 36 -0.19 1.35 -19.23
N SER A 37 0.21 2.42 -18.53
CA SER A 37 -0.71 3.54 -18.34
C SER A 37 -0.15 4.70 -19.19
N GLU A 38 -0.83 4.98 -20.26
CA GLU A 38 -0.29 6.05 -21.17
C GLU A 38 -0.28 7.40 -20.47
N SER A 39 -1.27 7.70 -19.61
CA SER A 39 -1.33 8.97 -18.90
C SER A 39 -0.15 9.08 -17.88
N GLU A 40 0.25 8.00 -17.18
CA GLU A 40 1.50 8.02 -16.41
C GLU A 40 2.76 8.20 -17.28
N GLN A 41 2.81 7.48 -18.39
CA GLN A 41 4.04 7.46 -19.18
C GLN A 41 4.29 8.89 -19.74
N ALA A 42 3.20 9.57 -20.07
CA ALA A 42 3.25 10.97 -20.59
C ALA A 42 3.85 11.91 -19.57
N LEU A 43 3.73 11.56 -18.26
CA LEU A 43 4.29 12.41 -17.20
C LEU A 43 5.59 11.86 -16.62
N LYS A 44 6.20 10.89 -17.29
CA LYS A 44 7.21 10.04 -16.62
C LYS A 44 8.32 10.78 -15.85
N GLY A 45 9.06 11.57 -16.59
CA GLY A 45 10.26 12.11 -16.06
C GLY A 45 10.01 13.51 -15.55
N THR A 46 8.91 13.67 -14.76
CA THR A 46 8.56 14.98 -14.16
C THR A 46 8.46 15.02 -12.66
N SER A 47 8.98 16.12 -12.13
CA SER A 47 8.98 16.33 -10.70
C SER A 47 7.90 17.31 -10.28
N GLN A 48 7.25 17.98 -11.24
CA GLN A 48 6.12 18.88 -10.97
C GLN A 48 4.90 18.20 -10.25
N ILE A 49 4.34 18.82 -9.20
CA ILE A 49 3.23 18.20 -8.41
C ILE A 49 1.90 18.91 -8.63
N LYS A 50 0.83 18.15 -8.89
CA LYS A 50 -0.46 18.77 -9.08
C LYS A 50 -1.01 19.43 -7.81
N LEU A 51 -1.59 20.61 -8.00
CA LEU A 51 -2.42 21.26 -7.00
C LEU A 51 -3.88 20.90 -7.20
N LEU A 52 -4.42 20.08 -6.31
CA LEU A 52 -5.76 19.59 -6.51
C LEU A 52 -6.86 20.68 -6.42
N SER A 53 -7.75 20.66 -7.40
CA SER A 53 -8.98 21.48 -7.33
C SER A 53 -9.94 21.01 -6.23
N SER A 54 -11.00 21.77 -5.96
CA SER A 54 -12.01 21.35 -4.98
C SER A 54 -12.74 20.06 -5.39
N GLU A 55 -13.09 19.99 -6.66
CA GLU A 55 -13.73 18.88 -7.28
C GLU A 55 -12.76 17.63 -7.12
N ASP A 56 -11.47 17.84 -7.38
CA ASP A 56 -10.45 16.74 -7.24
C ASP A 56 -10.43 16.28 -5.78
N ILE A 57 -10.42 17.23 -4.84
CA ILE A 57 -10.35 16.88 -3.41
C ILE A 57 -11.57 16.04 -3.04
N GLU A 58 -12.73 16.43 -3.55
CA GLU A 58 -13.92 15.71 -3.26
C GLU A 58 -13.85 14.25 -3.85
N GLY A 59 -13.23 14.12 -5.03
CA GLY A 59 -13.12 12.81 -5.68
C GLY A 59 -12.16 11.94 -4.87
N MET A 60 -11.11 12.59 -4.39
CA MET A 60 -10.16 11.83 -3.51
C MET A 60 -10.79 11.47 -2.20
N ARG A 61 -11.53 12.40 -1.58
CA ARG A 61 -12.18 11.95 -0.33
C ARG A 61 -13.10 10.75 -0.48
N LEU A 62 -13.92 10.73 -1.51
CA LEU A 62 -14.83 9.62 -1.75
C LEU A 62 -14.06 8.29 -2.00
N VAL A 63 -13.15 8.26 -2.98
CA VAL A 63 -12.51 6.98 -3.28
C VAL A 63 -11.69 6.43 -2.09
N CYS A 64 -11.08 7.34 -1.33
CA CYS A 64 -10.27 6.90 -0.16
C CYS A 64 -11.17 6.36 0.93
N ARG A 65 -12.34 6.97 1.07
N ARG A 65 -12.37 6.95 1.12
CA ARG A 65 -13.29 6.47 2.04
CA ARG A 65 -13.35 6.34 2.08
C ARG A 65 -13.80 5.08 1.65
C ARG A 65 -13.76 4.96 1.63
N LEU A 66 -14.07 4.84 0.34
CA LEU A 66 -14.51 3.52 -0.15
C LEU A 66 -13.36 2.48 -0.02
N ALA A 67 -12.12 2.94 -0.29
CA ALA A 67 -10.98 2.03 -0.13
C ALA A 67 -10.84 1.56 1.32
N ARG A 68 -11.01 2.48 2.29
CA ARG A 68 -10.91 2.05 3.70
C ARG A 68 -12.03 1.04 3.97
N GLU A 69 -13.22 1.32 3.41
CA GLU A 69 -14.26 0.29 3.67
C GLU A 69 -13.87 -1.07 3.14
N VAL A 70 -13.20 -1.16 1.97
CA VAL A 70 -12.82 -2.46 1.43
C VAL A 70 -11.65 -3.09 2.27
N LEU A 71 -10.70 -2.28 2.74
CA LEU A 71 -9.67 -2.84 3.63
C LEU A 71 -10.33 -3.43 4.86
N ASP A 72 -11.32 -2.74 5.35
CA ASP A 72 -11.99 -3.30 6.57
C ASP A 72 -12.63 -4.61 6.30
N VAL A 73 -13.24 -4.77 5.12
CA VAL A 73 -13.79 -6.08 4.76
C VAL A 73 -12.66 -7.16 4.85
N ALA A 74 -11.49 -6.93 4.24
CA ALA A 74 -10.44 -7.86 4.25
C ALA A 74 -9.95 -8.18 5.67
N ALA A 75 -9.86 -7.12 6.50
CA ALA A 75 -9.42 -7.18 7.94
C ALA A 75 -10.25 -8.23 8.68
N GLY A 76 -11.51 -8.27 8.30
CA GLY A 76 -12.51 -9.15 9.02
C GLY A 76 -12.34 -10.60 8.67
N MET A 77 -11.58 -10.89 7.61
CA MET A 77 -11.36 -12.27 7.10
C MET A 77 -10.06 -12.91 7.57
N ILE A 78 -9.21 -12.14 8.27
CA ILE A 78 -7.88 -12.57 8.56
C ILE A 78 -8.05 -13.60 9.73
N LYS A 79 -7.84 -14.87 9.39
CA LYS A 79 -7.78 -15.98 10.36
C LYS A 79 -7.01 -17.14 9.74
N PRO A 80 -6.48 -18.06 10.60
CA PRO A 80 -5.89 -19.27 10.07
C PRO A 80 -6.72 -20.05 9.08
N GLY A 81 -6.05 -20.45 8.01
CA GLY A 81 -6.66 -21.34 7.06
C GLY A 81 -7.41 -20.65 5.90
N VAL A 82 -7.55 -19.32 5.98
CA VAL A 82 -8.14 -18.50 4.86
C VAL A 82 -7.00 -18.30 3.85
N THR A 83 -7.28 -18.47 2.56
CA THR A 83 -6.20 -18.30 1.53
C THR A 83 -6.21 -16.84 1.15
N THR A 84 -5.04 -16.40 0.70
CA THR A 84 -4.97 -15.01 0.20
C THR A 84 -5.81 -14.84 -1.04
N GLU A 85 -5.97 -15.87 -1.88
CA GLU A 85 -6.94 -15.81 -2.96
C GLU A 85 -8.38 -15.54 -2.51
N GLU A 86 -8.79 -16.20 -1.42
CA GLU A 86 -10.12 -15.96 -0.88
C GLU A 86 -10.32 -14.50 -0.44
N ILE A 87 -9.29 -13.93 0.17
CA ILE A 87 -9.30 -12.50 0.55
C ILE A 87 -9.44 -11.68 -0.71
N ASP A 88 -8.61 -11.97 -1.72
CA ASP A 88 -8.71 -11.15 -2.97
C ASP A 88 -10.09 -11.23 -3.59
N HIS A 89 -10.69 -12.42 -3.61
CA HIS A 89 -12.03 -12.55 -4.21
C HIS A 89 -13.05 -11.67 -3.47
N ALA A 90 -12.97 -11.68 -2.16
CA ALA A 90 -13.87 -10.81 -1.36
C ALA A 90 -13.63 -9.33 -1.62
N VAL A 91 -12.32 -8.97 -1.78
CA VAL A 91 -12.01 -7.58 -2.05
C VAL A 91 -12.54 -7.19 -3.45
N HIS A 92 -12.38 -8.08 -4.43
CA HIS A 92 -12.78 -7.80 -5.84
C HIS A 92 -14.31 -7.56 -5.82
N LEU A 93 -15.03 -8.43 -5.09
CA LEU A 93 -16.54 -8.21 -5.02
C LEU A 93 -16.91 -6.96 -4.26
N ALA A 94 -16.14 -6.58 -3.22
CA ALA A 94 -16.42 -5.41 -2.42
C ALA A 94 -16.14 -4.12 -3.21
N CYS A 95 -15.12 -4.13 -4.10
N CYS A 95 -15.15 -4.17 -4.09
CA CYS A 95 -14.85 -2.99 -4.98
CA CYS A 95 -14.84 -3.07 -4.95
C CYS A 95 -16.07 -2.83 -5.95
C CYS A 95 -16.04 -2.85 -5.95
N ILE A 96 -16.47 -3.94 -6.60
CA ILE A 96 -17.59 -3.87 -7.60
C ILE A 96 -18.89 -3.45 -6.93
N ALA A 97 -19.10 -3.86 -5.69
CA ALA A 97 -20.28 -3.41 -4.94
C ALA A 97 -20.35 -1.95 -4.70
N ARG A 98 -19.17 -1.30 -4.64
CA ARG A 98 -18.98 0.14 -4.52
C ARG A 98 -18.76 0.87 -5.84
N ASN A 99 -19.07 0.18 -6.94
CA ASN A 99 -18.94 0.72 -8.28
C ASN A 99 -17.57 1.24 -8.51
N CYS A 100 -16.61 0.48 -7.98
CA CYS A 100 -15.20 0.92 -8.20
C CYS A 100 -14.40 -0.17 -8.95
N TYR A 101 -13.37 0.22 -9.73
CA TYR A 101 -12.46 -0.80 -10.29
C TYR A 101 -11.29 -1.04 -9.28
N PRO A 102 -10.88 -2.29 -9.08
CA PRO A 102 -9.67 -2.57 -8.28
C PRO A 102 -8.41 -2.20 -9.02
N SER A 103 -7.85 -1.05 -8.57
CA SER A 103 -6.71 -0.45 -9.36
C SER A 103 -5.57 -1.38 -9.63
N PRO A 104 -5.16 -2.31 -8.77
CA PRO A 104 -4.04 -3.19 -9.12
C PRO A 104 -4.26 -4.09 -10.33
N LEU A 105 -5.54 -4.37 -10.65
CA LEU A 105 -5.85 -5.48 -11.57
C LEU A 105 -5.38 -5.05 -13.00
N ASN A 106 -4.41 -5.77 -13.52
CA ASN A 106 -3.76 -5.45 -14.81
C ASN A 106 -2.92 -4.21 -14.79
N TYR A 107 -2.58 -3.67 -13.61
CA TYR A 107 -1.62 -2.52 -13.61
C TYR A 107 -0.27 -3.14 -13.91
N TYR A 108 0.34 -2.76 -15.10
CA TYR A 108 1.52 -3.53 -15.55
C TYR A 108 1.36 -5.06 -15.48
N ASN A 109 0.15 -5.52 -15.82
CA ASN A 109 -0.19 -6.92 -15.83
C ASN A 109 -0.19 -7.61 -14.46
N PHE A 110 -0.28 -6.80 -13.40
CA PHE A 110 -0.43 -7.45 -12.03
C PHE A 110 -1.71 -8.30 -12.13
N PRO A 111 -1.75 -9.52 -11.59
CA PRO A 111 -2.80 -10.46 -12.02
C PRO A 111 -4.04 -10.45 -11.07
N LYS A 112 -3.96 -9.74 -9.95
CA LYS A 112 -5.05 -9.81 -8.95
C LYS A 112 -5.49 -8.43 -8.54
N SER A 113 -6.43 -8.38 -7.55
CA SER A 113 -7.17 -7.17 -7.26
C SER A 113 -6.65 -6.44 -6.06
N CYS A 114 -5.67 -7.05 -5.41
CA CYS A 114 -5.02 -6.46 -4.24
C CYS A 114 -3.68 -7.19 -4.04
N CYS A 115 -2.86 -6.65 -3.14
CA CYS A 115 -1.63 -7.35 -2.80
C CYS A 115 -1.73 -7.91 -1.39
N THR A 116 -1.20 -9.11 -1.21
CA THR A 116 -1.23 -9.85 0.10
C THR A 116 0.18 -10.29 0.37
N SER A 117 0.81 -9.62 1.34
CA SER A 117 2.24 -9.86 1.62
C SER A 117 2.39 -10.48 3.02
N VAL A 118 2.92 -11.73 3.01
CA VAL A 118 3.10 -12.49 4.25
C VAL A 118 4.56 -12.47 4.70
N ASN A 119 4.78 -12.25 6.02
CA ASN A 119 6.14 -12.47 6.63
C ASN A 119 7.27 -11.82 5.85
N GLU A 120 8.19 -12.57 5.22
CA GLU A 120 9.36 -11.98 4.50
C GLU A 120 9.01 -11.23 3.29
N VAL A 121 7.74 -11.34 2.82
CA VAL A 121 7.34 -10.49 1.67
C VAL A 121 7.23 -9.03 2.13
N ILE A 122 7.92 -8.14 1.40
CA ILE A 122 7.94 -6.70 1.72
C ILE A 122 6.72 -6.00 1.13
N CYS A 123 6.40 -6.44 -0.08
CA CYS A 123 5.23 -5.83 -0.80
C CYS A 123 5.00 -6.56 -2.09
N HIS A 124 3.84 -6.24 -2.71
CA HIS A 124 3.42 -6.79 -3.96
C HIS A 124 3.21 -8.27 -4.08
N GLY A 125 2.93 -8.87 -2.90
CA GLY A 125 2.65 -10.29 -2.96
C GLY A 125 1.35 -10.56 -3.71
N ILE A 126 1.34 -11.69 -4.41
CA ILE A 126 0.21 -12.09 -5.29
C ILE A 126 -0.67 -13.09 -4.54
N PRO A 127 -1.95 -12.71 -4.32
CA PRO A 127 -2.91 -13.64 -3.64
C PRO A 127 -2.85 -15.00 -4.40
N ASP A 128 -2.87 -16.08 -3.60
CA ASP A 128 -2.72 -17.40 -4.19
C ASP A 128 -3.35 -18.44 -3.26
N ARG A 129 -3.01 -19.73 -3.46
CA ARG A 129 -3.70 -20.80 -2.68
C ARG A 129 -3.19 -21.03 -1.32
N ARG A 130 -2.22 -20.27 -0.80
CA ARG A 130 -1.66 -20.54 0.49
C ARG A 130 -2.63 -20.13 1.59
N PRO A 131 -3.01 -21.10 2.44
CA PRO A 131 -3.82 -20.70 3.61
C PRO A 131 -2.93 -19.98 4.66
N LEU A 132 -3.47 -18.94 5.29
CA LEU A 132 -2.69 -18.22 6.32
C LEU A 132 -2.43 -19.19 7.49
N GLN A 133 -1.30 -19.02 8.08
CA GLN A 133 -0.89 -19.86 9.24
C GLN A 133 -0.93 -19.08 10.50
N GLU A 134 -1.34 -19.74 11.60
CA GLU A 134 -1.18 -19.07 12.88
C GLU A 134 0.28 -18.62 13.15
N GLY A 135 0.45 -17.37 13.60
CA GLY A 135 1.76 -16.79 13.79
C GLY A 135 2.20 -15.86 12.62
N ASP A 136 1.55 -16.00 11.47
CA ASP A 136 1.88 -15.10 10.30
C ASP A 136 1.58 -13.65 10.65
N ILE A 137 2.30 -12.76 9.93
CA ILE A 137 1.84 -11.38 9.74
C ILE A 137 1.53 -11.26 8.24
N VAL A 138 0.47 -10.53 7.97
CA VAL A 138 0.03 -10.41 6.55
C VAL A 138 -0.49 -9.00 6.34
N ASN A 139 0.04 -8.37 5.27
CA ASN A 139 -0.41 -7.09 4.92
C ASN A 139 -1.36 -7.18 3.70
N VAL A 140 -2.51 -6.49 3.75
CA VAL A 140 -3.40 -6.33 2.56
C VAL A 140 -3.40 -4.90 2.11
N ASP A 141 -3.09 -4.85 0.81
CA ASP A 141 -2.97 -3.50 0.31
C ASP A 141 -4.03 -3.34 -0.77
N ILE A 142 -4.87 -2.35 -0.56
CA ILE A 142 -6.06 -2.04 -1.34
C ILE A 142 -5.89 -0.77 -2.08
N THR A 143 -6.27 -0.80 -3.35
CA THR A 143 -6.38 0.51 -4.10
C THR A 143 -7.63 0.41 -4.97
N LEU A 144 -8.44 1.48 -4.88
CA LEU A 144 -9.70 1.59 -5.67
C LEU A 144 -9.63 2.74 -6.67
N TYR A 145 -10.44 2.64 -7.70
CA TYR A 145 -10.51 3.69 -8.76
C TYR A 145 -11.99 4.03 -8.87
N ARG A 146 -12.33 5.29 -8.61
CA ARG A 146 -13.74 5.74 -8.74
C ARG A 146 -13.77 7.12 -9.41
N ASN A 147 -14.63 7.23 -10.47
CA ASN A 147 -14.90 8.55 -11.12
C ASN A 147 -13.56 9.17 -11.48
N GLY A 148 -12.55 8.34 -11.85
CA GLY A 148 -11.26 8.93 -12.30
C GLY A 148 -10.13 9.08 -11.24
N TYR A 149 -10.41 8.72 -9.96
CA TYR A 149 -9.45 8.96 -8.88
C TYR A 149 -9.12 7.65 -8.18
N HIS A 150 -7.85 7.53 -7.83
CA HIS A 150 -7.39 6.32 -7.11
C HIS A 150 -7.22 6.64 -5.63
N GLY A 151 -7.53 5.65 -4.73
CA GLY A 151 -7.26 5.81 -3.35
C GLY A 151 -6.58 4.54 -2.79
N ASP A 152 -5.52 4.72 -1.99
CA ASP A 152 -4.54 3.61 -1.70
C ASP A 152 -4.25 3.54 -0.24
N LEU A 153 -4.37 2.32 0.35
CA LEU A 153 -3.97 2.20 1.75
C LEU A 153 -3.63 0.73 2.03
N ASN A 154 -2.94 0.48 3.16
CA ASN A 154 -2.64 -0.90 3.53
C ASN A 154 -2.44 -0.94 5.03
N GLU A 155 -2.72 -2.11 5.57
CA GLU A 155 -2.36 -2.37 6.96
C GLU A 155 -1.75 -3.77 7.09
N THR A 156 -0.90 -3.94 8.12
CA THR A 156 -0.46 -5.33 8.48
C THR A 156 -1.33 -5.82 9.66
N PHE A 157 -1.63 -7.13 9.53
CA PHE A 157 -2.55 -7.79 10.49
C PHE A 157 -1.80 -8.99 11.07
N PHE A 158 -2.28 -9.49 12.24
CA PHE A 158 -1.72 -10.68 12.87
C PHE A 158 -2.68 -11.85 12.57
N VAL A 159 -2.11 -13.03 12.36
CA VAL A 159 -2.95 -14.22 12.08
C VAL A 159 -2.93 -15.07 13.38
N GLY A 160 -4.05 -15.06 14.10
CA GLY A 160 -4.05 -15.64 15.46
C GLY A 160 -3.07 -14.96 16.35
N GLU A 161 -2.42 -15.77 17.19
CA GLU A 161 -1.41 -15.29 18.15
C GLU A 161 -0.07 -15.20 17.48
N VAL A 162 0.63 -14.11 17.67
CA VAL A 162 1.94 -13.95 17.03
C VAL A 162 2.99 -13.81 18.13
N ASP A 163 4.26 -13.84 17.76
CA ASP A 163 5.35 -13.70 18.76
C ASP A 163 5.73 -12.25 19.03
N ASP A 164 6.51 -12.03 20.09
CA ASP A 164 6.85 -10.66 20.51
C ASP A 164 7.54 -9.87 19.41
N GLY A 165 8.41 -10.55 18.68
CA GLY A 165 9.08 -9.89 17.57
C GLY A 165 8.10 -9.37 16.51
N ALA A 166 7.09 -10.17 16.18
CA ALA A 166 6.03 -9.75 15.20
C ALA A 166 5.33 -8.50 15.78
N ARG A 167 4.98 -8.54 17.05
CA ARG A 167 4.29 -7.39 17.68
C ARG A 167 5.09 -6.10 17.65
N LYS A 168 6.39 -6.17 17.97
CA LYS A 168 7.26 -4.98 17.91
C LYS A 168 7.44 -4.46 16.49
N LEU A 169 7.59 -5.38 15.54
CA LEU A 169 7.89 -4.93 14.18
C LEU A 169 6.66 -4.17 13.69
N VAL A 170 5.55 -4.80 13.80
CA VAL A 170 4.28 -4.13 13.35
C VAL A 170 4.01 -2.77 14.06
N GLN A 171 4.09 -2.75 15.42
CA GLN A 171 3.91 -1.52 16.14
C GLN A 171 4.87 -0.42 15.69
N THR A 172 6.15 -0.80 15.49
CA THR A 172 7.14 0.21 15.18
C THR A 172 6.87 0.74 13.78
N THR A 173 6.40 -0.17 12.92
CA THR A 173 6.09 0.25 11.51
C THR A 173 4.97 1.25 11.50
N TYR A 174 3.93 1.02 12.29
CA TYR A 174 2.76 1.91 12.30
C TYR A 174 3.19 3.26 12.92
N GLU A 175 4.06 3.22 13.97
CA GLU A 175 4.52 4.43 14.61
C GLU A 175 5.35 5.19 13.59
N CYS A 176 6.14 4.50 12.72
CA CYS A 176 6.94 5.25 11.70
C CYS A 176 6.03 5.98 10.76
N LEU A 177 4.96 5.32 10.32
CA LEU A 177 4.03 6.02 9.39
C LEU A 177 3.41 7.23 10.12
N MET A 178 2.96 7.07 11.33
CA MET A 178 2.24 8.15 11.99
C MET A 178 3.15 9.32 12.36
N GLN A 179 4.42 9.05 12.71
CA GLN A 179 5.30 10.19 13.04
C GLN A 179 5.53 10.91 11.72
N ALA A 180 5.62 10.17 10.62
CA ALA A 180 5.85 10.94 9.33
C ALA A 180 4.57 11.79 9.01
N ILE A 181 3.38 11.23 9.13
CA ILE A 181 2.15 11.96 8.87
C ILE A 181 2.07 13.23 9.77
N ASP A 182 2.49 13.09 11.03
CA ASP A 182 2.44 14.17 12.04
C ASP A 182 3.33 15.33 11.57
N ALA A 183 4.33 15.07 10.73
CA ALA A 183 5.22 16.18 10.21
C ALA A 183 4.72 16.87 8.98
N VAL A 184 3.68 16.33 8.31
CA VAL A 184 3.20 16.87 7.03
C VAL A 184 2.45 18.20 7.27
N LYS A 185 2.86 19.23 6.48
CA LYS A 185 2.19 20.54 6.53
C LYS A 185 2.89 21.31 5.44
N PRO A 186 2.24 22.42 5.00
CA PRO A 186 2.83 23.13 3.89
C PRO A 186 4.22 23.69 4.29
N GLY A 187 5.17 23.61 3.39
CA GLY A 187 6.51 24.19 3.61
C GLY A 187 7.56 23.17 3.95
N VAL A 188 7.07 21.95 4.30
CA VAL A 188 7.99 20.86 4.64
C VAL A 188 8.50 20.13 3.41
N ARG A 189 9.79 19.79 3.37
CA ARG A 189 10.31 19.12 2.18
C ARG A 189 9.91 17.60 2.15
N TYR A 190 9.58 17.08 0.97
CA TYR A 190 9.25 15.58 0.89
C TYR A 190 10.39 14.72 1.39
N ARG A 191 11.64 15.15 1.18
CA ARG A 191 12.79 14.41 1.60
C ARG A 191 12.96 14.28 3.12
N GLU A 192 12.30 15.11 3.92
CA GLU A 192 12.42 15.05 5.34
C GLU A 192 11.71 13.81 5.93
N LEU A 193 10.65 13.33 5.22
CA LEU A 193 9.89 12.24 5.88
C LEU A 193 10.75 11.00 6.07
N GLY A 194 11.65 10.71 5.14
CA GLY A 194 12.57 9.55 5.30
C GLY A 194 13.50 9.64 6.52
N ASN A 195 13.86 10.87 6.87
CA ASN A 195 14.68 11.04 8.06
C ASN A 195 13.93 10.64 9.31
N ILE A 196 12.64 11.07 9.38
CA ILE A 196 11.84 10.73 10.53
C ILE A 196 11.65 9.22 10.65
N ILE A 197 11.30 8.64 9.49
CA ILE A 197 11.01 7.18 9.51
C ILE A 197 12.22 6.34 9.93
N GLN A 198 13.38 6.60 9.28
CA GLN A 198 14.60 5.87 9.54
C GLN A 198 15.04 6.11 10.98
N LYS A 199 14.90 7.35 11.46
CA LYS A 199 15.27 7.58 12.89
C LYS A 199 14.52 6.66 13.88
N HIS A 200 13.18 6.54 13.71
CA HIS A 200 12.41 5.70 14.65
C HIS A 200 12.66 4.18 14.36
N ALA A 201 12.79 3.80 13.09
CA ALA A 201 13.04 2.37 12.76
C ALA A 201 14.39 1.92 13.42
N GLN A 202 15.43 2.73 13.21
CA GLN A 202 16.79 2.41 13.73
C GLN A 202 16.82 2.39 15.26
N ALA A 203 16.05 3.26 15.91
CA ALA A 203 15.96 3.22 17.38
C ALA A 203 15.39 1.94 17.89
N ASN A 204 14.66 1.20 17.06
CA ASN A 204 14.04 -0.06 17.46
C ASN A 204 14.73 -1.29 16.85
N GLY A 205 15.91 -1.05 16.27
CA GLY A 205 16.77 -2.11 15.71
C GLY A 205 16.29 -2.69 14.35
N PHE A 206 15.51 -1.88 13.63
CA PHE A 206 15.00 -2.27 12.29
C PHE A 206 15.55 -1.44 11.16
N SER A 207 15.44 -1.96 9.91
CA SER A 207 15.90 -1.24 8.77
C SER A 207 14.76 -0.84 7.88
N VAL A 208 15.09 0.03 6.96
CA VAL A 208 14.09 0.67 6.07
C VAL A 208 14.36 0.33 4.56
N VAL A 209 13.36 -0.25 3.87
CA VAL A 209 13.45 -0.64 2.44
C VAL A 209 13.67 0.61 1.64
N ARG A 210 14.63 0.50 0.73
CA ARG A 210 15.07 1.62 -0.16
C ARG A 210 14.47 1.53 -1.58
N SER A 211 14.02 0.36 -2.04
CA SER A 211 13.70 0.18 -3.43
C SER A 211 12.29 0.60 -3.82
N TYR A 212 11.49 0.80 -2.78
CA TYR A 212 10.05 1.06 -2.93
C TYR A 212 9.71 2.34 -2.12
N CYS A 213 8.77 3.14 -2.63
CA CYS A 213 8.53 4.50 -2.08
C CYS A 213 7.05 4.91 -2.09
N GLY A 214 6.69 5.94 -1.30
CA GLY A 214 5.38 6.55 -1.41
C GLY A 214 5.33 7.42 -2.61
N HIS A 215 4.16 7.95 -2.92
CA HIS A 215 3.98 8.54 -4.28
C HIS A 215 2.78 9.42 -4.33
N GLY A 216 2.86 10.46 -5.21
CA GLY A 216 1.62 11.16 -5.58
C GLY A 216 0.57 10.18 -6.12
N ILE A 217 -0.68 10.52 -5.90
CA ILE A 217 -1.79 9.68 -6.39
C ILE A 217 -2.99 10.66 -6.49
N HIS A 218 -3.71 10.43 -7.58
CA HIS A 218 -4.96 11.16 -7.77
C HIS A 218 -5.59 10.61 -9.01
N LYS A 219 -5.49 11.33 -10.17
CA LYS A 219 -5.97 10.79 -11.39
C LYS A 219 -5.00 9.74 -11.98
N LEU A 220 -3.74 9.75 -11.53
CA LEU A 220 -2.77 8.74 -11.85
C LEU A 220 -2.61 7.89 -10.56
N PHE A 221 -2.33 6.60 -10.80
CA PHE A 221 -2.11 5.70 -9.57
C PHE A 221 -0.73 6.11 -8.96
N HIS A 222 0.31 6.20 -9.82
CA HIS A 222 1.63 6.68 -9.29
C HIS A 222 2.10 7.92 -10.07
N THR A 223 2.38 8.94 -9.29
CA THR A 223 2.89 10.23 -9.98
C THR A 223 3.72 11.03 -9.01
N ALA A 224 4.27 12.19 -9.41
CA ALA A 224 5.04 12.97 -8.45
C ALA A 224 4.21 13.42 -7.27
N PRO A 225 4.79 13.52 -6.08
CA PRO A 225 6.20 13.29 -5.83
C PRO A 225 6.60 11.87 -5.51
N ASN A 226 7.86 11.57 -5.75
CA ASN A 226 8.45 10.36 -5.18
C ASN A 226 8.71 10.58 -3.69
N VAL A 227 8.30 9.65 -2.81
CA VAL A 227 8.50 9.87 -1.44
C VAL A 227 9.26 8.67 -0.78
N PRO A 228 10.62 8.67 -0.78
CA PRO A 228 11.47 7.66 -0.10
C PRO A 228 11.23 7.63 1.38
N HIS A 229 11.41 6.42 1.98
CA HIS A 229 11.22 6.33 3.37
C HIS A 229 12.48 6.29 4.24
N TYR A 230 13.63 6.39 3.58
CA TYR A 230 14.93 6.30 4.27
C TYR A 230 15.60 7.68 4.38
N ALA A 231 16.57 7.76 5.26
CA ALA A 231 17.18 9.09 5.59
C ALA A 231 18.13 9.55 4.47
N LYS A 232 18.30 10.87 4.41
CA LYS A 232 19.27 11.50 3.48
C LYS A 232 19.00 11.20 2.06
N ASN A 233 17.72 10.94 1.74
CA ASN A 233 17.35 10.74 0.35
C ASN A 233 17.31 12.11 -0.34
N LYS A 234 17.29 12.12 -1.66
CA LYS A 234 17.34 13.40 -2.40
C LYS A 234 16.07 13.74 -3.13
N ALA A 235 14.93 13.28 -2.60
CA ALA A 235 13.66 13.57 -3.25
C ALA A 235 13.40 15.09 -3.44
N VAL A 236 12.73 15.43 -4.54
CA VAL A 236 12.50 16.79 -4.97
C VAL A 236 11.12 17.20 -4.49
N GLY A 237 10.99 18.44 -4.03
CA GLY A 237 9.66 18.96 -3.75
C GLY A 237 9.40 19.44 -2.34
N VAL A 238 8.45 20.37 -2.23
CA VAL A 238 8.03 20.92 -0.99
C VAL A 238 6.53 20.82 -0.85
N MET A 239 6.02 20.35 0.30
CA MET A 239 4.56 20.22 0.44
C MET A 239 3.83 21.56 0.36
N LYS A 240 2.66 21.54 -0.25
CA LYS A 240 1.79 22.71 -0.32
C LYS A 240 0.41 22.21 -0.13
N SER A 241 -0.44 23.01 0.48
CA SER A 241 -1.85 22.70 0.62
C SER A 241 -2.45 22.36 -0.78
N GLY A 242 -3.17 21.23 -0.84
CA GLY A 242 -3.68 20.75 -2.11
C GLY A 242 -2.93 19.56 -2.72
N HIS A 243 -1.72 19.21 -2.18
CA HIS A 243 -0.94 18.09 -2.70
C HIS A 243 -1.55 16.79 -2.03
N VAL A 244 -1.61 15.73 -2.85
CA VAL A 244 -2.09 14.41 -2.30
C VAL A 244 -1.04 13.37 -2.68
N PHE A 245 -0.69 12.58 -1.67
CA PHE A 245 0.37 11.59 -1.86
C PHE A 245 0.22 10.51 -0.79
N THR A 246 0.95 9.42 -1.00
CA THR A 246 0.97 8.40 0.10
C THR A 246 2.29 8.40 0.85
N ILE A 247 2.24 7.79 2.04
CA ILE A 247 3.45 7.44 2.80
C ILE A 247 3.23 5.96 3.10
N GLU A 248 4.21 5.10 2.78
CA GLU A 248 3.92 3.60 2.93
C GLU A 248 5.18 2.85 3.33
N PRO A 249 5.69 3.23 4.54
CA PRO A 249 7.01 2.63 4.88
C PRO A 249 6.99 1.10 5.06
N MET A 250 8.05 0.49 4.54
CA MET A 250 8.34 -0.95 4.72
C MET A 250 9.57 -1.05 5.55
N ILE A 251 9.41 -1.72 6.70
CA ILE A 251 10.43 -1.81 7.77
C ILE A 251 10.74 -3.26 7.96
N CYS A 252 12.03 -3.57 8.24
CA CYS A 252 12.41 -5.02 8.24
C CYS A 252 13.15 -5.36 9.52
N GLU A 253 13.00 -6.61 9.95
CA GLU A 253 13.70 -7.21 11.15
C GLU A 253 15.19 -7.28 10.95
N GLY A 254 15.64 -7.56 9.71
CA GLY A 254 17.08 -7.73 9.32
C GLY A 254 17.57 -6.55 8.55
N GLY A 255 18.26 -6.80 7.42
CA GLY A 255 18.78 -5.78 6.56
C GLY A 255 17.66 -5.31 5.65
N TRP A 256 17.92 -4.20 4.99
CA TRP A 256 16.94 -3.50 4.15
C TRP A 256 16.88 -4.09 2.72
N GLN A 257 17.83 -4.96 2.33
CA GLN A 257 17.95 -5.37 0.94
C GLN A 257 16.81 -6.26 0.52
N ASP A 258 16.31 -5.95 -0.65
CA ASP A 258 15.17 -6.73 -1.25
C ASP A 258 15.58 -7.46 -2.51
N GLU A 259 14.83 -8.49 -2.92
CA GLU A 259 14.94 -9.05 -4.26
C GLU A 259 13.53 -9.49 -4.68
N THR A 260 13.36 -9.80 -5.94
CA THR A 260 12.01 -10.11 -6.43
C THR A 260 12.01 -11.56 -6.84
N TRP A 261 10.88 -12.23 -6.59
CA TRP A 261 10.63 -13.60 -7.04
C TRP A 261 10.52 -13.72 -8.56
N PRO A 262 10.65 -14.97 -9.10
CA PRO A 262 10.53 -15.21 -10.57
C PRO A 262 9.18 -14.73 -11.15
N ASP A 263 8.16 -14.53 -10.31
CA ASP A 263 6.91 -13.99 -10.80
C ASP A 263 6.95 -12.54 -11.23
N GLY A 264 8.10 -11.87 -10.95
CA GLY A 264 8.34 -10.51 -11.35
C GLY A 264 7.72 -9.40 -10.48
N TRP A 265 7.01 -9.81 -9.40
CA TRP A 265 6.27 -8.89 -8.54
C TRP A 265 6.64 -9.05 -7.03
N THR A 266 6.67 -10.30 -6.53
CA THR A 266 6.76 -10.45 -5.07
C THR A 266 8.11 -10.02 -4.58
N ALA A 267 8.14 -9.03 -3.71
CA ALA A 267 9.44 -8.48 -3.26
C ALA A 267 9.62 -9.07 -1.91
N VAL A 268 10.84 -9.60 -1.67
CA VAL A 268 11.12 -10.27 -0.39
C VAL A 268 12.47 -9.75 0.21
N THR A 269 12.57 -9.87 1.53
CA THR A 269 13.90 -9.58 2.21
C THR A 269 14.89 -10.59 1.66
N ARG A 270 16.08 -10.10 1.31
CA ARG A 270 17.11 -11.00 0.84
C ARG A 270 17.61 -11.95 1.96
N ASP A 271 17.44 -11.49 3.21
CA ASP A 271 17.79 -12.35 4.38
C ASP A 271 16.67 -13.24 4.90
N GLY A 272 15.48 -13.11 4.29
CA GLY A 272 14.38 -13.96 4.79
C GLY A 272 13.75 -13.58 6.10
N LYS A 273 14.16 -12.45 6.67
CA LYS A 273 13.55 -11.98 7.93
C LYS A 273 12.20 -11.21 7.61
N ARG A 274 11.43 -10.90 8.62
CA ARG A 274 10.05 -10.40 8.34
C ARG A 274 10.11 -8.91 8.00
N SER A 275 9.03 -8.46 7.27
CA SER A 275 8.97 -7.00 6.93
C SER A 275 7.47 -6.67 7.14
N ALA A 276 7.22 -5.47 7.66
CA ALA A 276 5.84 -4.96 7.79
C ALA A 276 5.70 -3.61 7.12
N GLN A 277 4.45 -3.27 6.86
CA GLN A 277 4.16 -1.99 6.16
C GLN A 277 2.80 -1.39 6.61
N PHE A 278 2.63 -0.08 6.54
CA PHE A 278 1.34 0.58 6.61
C PHE A 278 1.34 1.71 5.60
N GLU A 279 0.15 2.08 5.13
CA GLU A 279 0.03 3.10 4.07
C GLU A 279 -1.24 3.89 4.34
N HIS A 280 -1.08 5.21 4.19
CA HIS A 280 -2.24 6.09 4.07
C HIS A 280 -2.06 6.99 2.83
N THR A 281 -3.19 7.45 2.32
CA THR A 281 -3.23 8.55 1.32
C THR A 281 -3.56 9.84 2.07
N LEU A 282 -2.72 10.90 1.86
CA LEU A 282 -2.78 12.15 2.65
C LEU A 282 -3.11 13.33 1.71
N LEU A 283 -3.93 14.21 2.21
CA LEU A 283 -4.05 15.56 1.56
C LEU A 283 -3.44 16.60 2.49
N VAL A 284 -2.57 17.45 1.93
CA VAL A 284 -1.95 18.57 2.72
C VAL A 284 -3.01 19.71 2.83
N THR A 285 -3.25 20.13 4.07
CA THR A 285 -4.20 21.21 4.40
C THR A 285 -3.43 22.28 5.21
N ASP A 286 -4.08 23.41 5.47
CA ASP A 286 -3.32 24.51 6.14
C ASP A 286 -2.85 24.16 7.58
N THR A 287 -3.64 23.37 8.29
CA THR A 287 -3.31 22.94 9.66
C THR A 287 -2.39 21.70 9.78
N GLY A 288 -2.11 21.06 8.64
CA GLY A 288 -1.24 19.92 8.59
C GLY A 288 -1.74 19.05 7.44
N CYS A 289 -2.47 18.00 7.77
CA CYS A 289 -2.95 17.15 6.66
C CYS A 289 -4.20 16.44 7.04
N GLU A 290 -4.90 15.98 6.04
CA GLU A 290 -6.11 15.19 6.26
C GLU A 290 -5.76 13.76 5.78
N ILE A 291 -6.05 12.78 6.69
CA ILE A 291 -5.71 11.41 6.37
C ILE A 291 -6.95 10.77 5.68
N LEU A 292 -6.87 10.76 4.36
CA LEU A 292 -8.08 10.48 3.55
C LEU A 292 -8.54 9.04 3.75
N THR A 293 -7.58 8.16 4.12
CA THR A 293 -7.85 6.70 4.25
C THR A 293 -7.96 6.30 5.70
N ARG A 294 -8.12 7.28 6.61
CA ARG A 294 -8.30 6.93 8.05
C ARG A 294 -9.56 6.11 8.28
N ARG A 295 -9.56 5.43 9.43
CA ARG A 295 -10.86 4.96 9.94
C ARG A 295 -11.75 6.05 10.49
N LEU A 296 -13.08 5.95 10.27
CA LEU A 296 -13.97 6.98 10.79
C LEU A 296 -14.69 6.60 12.05
N ASP A 297 -14.71 5.30 12.36
CA ASP A 297 -15.56 4.75 13.44
C ASP A 297 -14.76 4.03 14.48
N SER A 298 -13.43 4.14 14.41
CA SER A 298 -12.63 3.41 15.34
C SER A 298 -11.23 4.03 15.50
N ALA A 299 -10.74 4.03 16.74
CA ALA A 299 -9.59 4.82 17.12
C ALA A 299 -8.28 4.22 16.62
N ARG A 300 -8.18 2.91 16.45
CA ARG A 300 -6.90 2.25 16.26
C ARG A 300 -6.89 1.40 14.95
N PRO A 301 -5.72 1.09 14.39
CA PRO A 301 -5.60 0.14 13.29
C PRO A 301 -6.00 -1.23 13.77
N HIS A 302 -6.28 -2.07 12.83
CA HIS A 302 -6.90 -3.40 13.22
C HIS A 302 -6.00 -4.18 14.10
N PHE A 303 -4.68 -4.15 13.90
CA PHE A 303 -3.82 -5.03 14.71
C PHE A 303 -3.89 -4.72 16.23
N MET A 304 -4.36 -3.55 16.59
N MET A 304 -4.40 -3.53 16.57
CA MET A 304 -4.42 -3.21 18.00
CA MET A 304 -4.57 -3.07 17.98
C MET A 304 -5.64 -3.82 18.72
C MET A 304 -5.92 -3.41 18.60
N SER A 305 -6.65 -4.34 18.00
CA SER A 305 -7.82 -4.99 18.69
C SER A 305 -7.55 -6.50 18.81
#